data_6ZDX
#
_entry.id   6ZDX
#
_cell.length_a   134.507
_cell.length_b   134.507
_cell.length_c   277.468
_cell.angle_alpha   90.000
_cell.angle_beta   90.000
_cell.angle_gamma   120.000
#
_symmetry.space_group_name_H-M   'P 61 2 2'
#
loop_
_entity.id
_entity.type
_entity.pdbx_description
1 polymer Rifin
2 polymer 'Leukocyte immunoglobulin-like receptor subfamily B member 1'
3 branched 2-acetamido-2-deoxy-beta-D-glucopyranose-(1-4)-2-acetamido-2-deoxy-beta-D-glucopyranose
4 non-polymer 2-acetamido-2-deoxy-beta-D-glucopyranose
#
loop_
_entity_poly.entity_id
_entity_poly.type
_entity_poly.pdbx_seq_one_letter_code
_entity_poly.pdbx_strand_id
1 'polypeptide(L)'
;GSSHHHHHHSSGLVPRGSHMNYETINAFIAKTIEELEGIPGITKLFGAKISQFVTPAVFRKPMSLVETILSEKKKLCLCA
ANKNELLCRGMNPNVPETLPKKIEVAVNEVLSSVNDTWATATTPTTFFT
;
A
2 'polypeptide(L)'
;MGILPSPGMPALLSLVSLLSVLLMGCVAETGGHLPKPTLWAEPGSVITQGSPVTLRCQGGQETQEYRLYREKKTALWITR
IPQELVKKGQFPIPSITWEHAGRYRCYYGSDTAGRSESSDPLELVVTGAYIKPTLSAQPSPVVNSGGNVILQCDSQVAFD
GFSLCKEGEDEHPQCLNSQPHARGSSRAIFSVGPVSPSRRWWYRCYAYDSNSPYEWSLPSDLLELLVLGVSKKPSLSVQP
GPIVAPEETLTLQCGSDAGYNRFVLYKDGERDFLQLAGAQPQAGLSQANFTLGPVSRSYGGQYRCYGAHNLSSEWSAPSD
PLDILIAGQFYDRVSLSVQPGPTVASGENVTLLCQSQGWMQTFLLTKEGAADDPWRLRSTYQSQKYQAEFPMGPVTSAHA
GTYRCYGSQSSKPYLLTHPSDPLELVVSGTKHHHHHH
;
B
#
loop_
_chem_comp.id
_chem_comp.type
_chem_comp.name
_chem_comp.formula
NAG D-saccharide, beta linking 2-acetamido-2-deoxy-beta-D-glucopyranose 'C8 H15 N O6'
#
# COMPACT_ATOMS: atom_id res chain seq x y z
N HIS A 19 37.00 10.98 35.56
CA HIS A 19 38.46 10.84 35.57
C HIS A 19 38.93 9.90 34.43
N MET A 20 40.13 10.17 33.88
CA MET A 20 40.73 9.42 32.78
C MET A 20 41.65 8.26 33.23
N ASN A 21 41.02 7.12 33.58
CA ASN A 21 41.69 5.90 34.03
C ASN A 21 41.32 4.66 33.17
N TYR A 22 41.90 3.49 33.47
CA TYR A 22 41.67 2.26 32.70
C TYR A 22 40.21 1.79 32.58
N GLU A 23 39.43 1.68 33.70
CA GLU A 23 38.03 1.21 33.65
C GLU A 23 37.24 2.13 32.78
N THR A 24 37.38 3.47 33.03
CA THR A 24 36.55 4.45 32.34
C THR A 24 36.93 4.62 30.90
N ILE A 25 38.21 4.67 30.56
CA ILE A 25 38.60 4.80 29.15
C ILE A 25 38.07 3.61 28.35
N ASN A 26 38.22 2.42 28.91
CA ASN A 26 37.79 1.18 28.31
C ASN A 26 36.30 1.05 28.21
N ALA A 27 35.60 1.41 29.30
CA ALA A 27 34.14 1.35 29.35
C ALA A 27 33.57 2.33 28.36
N PHE A 28 34.17 3.54 28.24
CA PHE A 28 33.72 4.53 27.27
C PHE A 28 33.85 3.98 25.87
N ILE A 29 35.01 3.39 25.50
CA ILE A 29 35.26 2.88 24.14
C ILE A 29 34.28 1.78 23.72
N ALA A 30 34.07 0.73 24.55
CA ALA A 30 33.15 -0.37 24.21
C ALA A 30 31.69 0.09 24.14
N LYS A 31 31.24 0.83 25.16
CA LYS A 31 29.89 1.35 25.23
C LYS A 31 29.63 2.24 24.04
N THR A 32 30.61 3.07 23.60
CA THR A 32 30.43 3.92 22.41
C THR A 32 30.26 3.08 21.14
N ILE A 33 31.16 2.07 20.93
CA ILE A 33 31.10 1.17 19.79
C ILE A 33 29.72 0.46 19.78
N GLU A 34 29.32 -0.03 20.95
CA GLU A 34 28.06 -0.72 21.12
C GLU A 34 26.87 0.17 20.75
N GLU A 35 26.96 1.44 21.16
CA GLU A 35 25.96 2.47 20.92
C GLU A 35 25.89 2.82 19.44
N LEU A 36 27.06 2.93 18.78
CA LEU A 36 27.15 3.22 17.35
C LEU A 36 26.57 2.06 16.55
N GLU A 37 26.91 0.78 16.92
CA GLU A 37 26.37 -0.42 16.26
C GLU A 37 24.85 -0.55 16.52
N GLY A 38 24.35 0.23 17.48
CA GLY A 38 22.95 0.28 17.84
C GLY A 38 22.13 1.24 17.00
N ILE A 39 22.80 2.19 16.30
CA ILE A 39 22.18 3.20 15.41
C ILE A 39 21.81 2.47 14.13
N PRO A 40 20.50 2.38 13.80
CA PRO A 40 20.09 1.67 12.57
C PRO A 40 20.84 2.14 11.35
N GLY A 41 21.43 1.17 10.63
CA GLY A 41 22.19 1.40 9.40
C GLY A 41 23.69 1.23 9.47
N ILE A 42 24.34 1.70 10.56
CA ILE A 42 25.78 1.66 10.83
C ILE A 42 26.42 0.29 10.58
N THR A 43 26.00 -0.77 11.28
CA THR A 43 26.56 -2.13 11.07
C THR A 43 26.54 -2.59 9.59
N LYS A 44 25.44 -2.34 8.86
CA LYS A 44 25.41 -2.78 7.45
C LYS A 44 26.40 -1.98 6.59
N LEU A 45 26.42 -0.64 6.75
CA LEU A 45 27.29 0.25 5.99
C LEU A 45 28.76 0.18 6.40
N PHE A 46 29.05 0.35 7.70
CA PHE A 46 30.41 0.41 8.26
C PHE A 46 31.08 -0.91 8.51
N GLY A 47 30.31 -1.96 8.71
CA GLY A 47 30.89 -3.27 9.01
C GLY A 47 31.74 -3.28 10.25
N ALA A 48 32.79 -4.09 10.21
CA ALA A 48 33.75 -4.31 11.27
C ALA A 48 34.64 -3.11 11.51
N LYS A 49 34.72 -2.18 10.52
CA LYS A 49 35.55 -0.99 10.58
C LYS A 49 35.07 0.03 11.60
N ILE A 50 33.83 -0.10 12.13
CA ILE A 50 33.29 0.87 13.09
C ILE A 50 34.19 1.01 14.34
N SER A 51 34.71 -0.11 14.90
CA SER A 51 35.63 -0.16 16.05
C SER A 51 36.75 0.83 15.88
N GLN A 52 37.29 1.01 14.65
CA GLN A 52 38.41 1.90 14.33
C GLN A 52 38.13 3.41 14.58
N PHE A 53 36.86 3.79 14.68
CA PHE A 53 36.49 5.18 14.87
C PHE A 53 36.48 5.56 16.34
N VAL A 54 36.44 4.59 17.25
CA VAL A 54 36.44 4.85 18.70
C VAL A 54 37.81 4.44 19.30
N THR A 55 38.52 5.42 19.89
CA THR A 55 39.86 5.23 20.47
C THR A 55 40.02 6.08 21.73
N PRO A 56 41.09 5.90 22.58
CA PRO A 56 41.25 6.79 23.75
C PRO A 56 41.30 8.25 23.35
N ALA A 57 41.75 8.54 22.11
CA ALA A 57 41.80 9.88 21.51
C ALA A 57 40.41 10.55 21.47
N VAL A 58 39.36 9.76 21.15
CA VAL A 58 37.96 10.21 21.08
C VAL A 58 37.47 10.59 22.46
N PHE A 59 37.99 9.96 23.53
CA PHE A 59 37.58 10.31 24.88
C PHE A 59 37.90 11.78 25.19
N ARG A 60 39.08 12.24 24.71
CA ARG A 60 39.58 13.61 24.83
C ARG A 60 38.72 14.62 24.03
N LYS A 61 38.17 14.23 22.84
CA LYS A 61 37.31 15.07 21.99
C LYS A 61 36.09 14.23 21.51
N PRO A 62 35.14 13.86 22.41
CA PRO A 62 34.08 12.93 22.00
C PRO A 62 33.11 13.41 20.94
N MET A 63 32.73 14.68 20.91
CA MET A 63 31.80 15.12 19.86
C MET A 63 32.45 15.18 18.45
N SER A 64 33.73 14.78 18.34
CA SER A 64 34.47 14.70 17.09
C SER A 64 33.93 13.53 16.25
N LEU A 65 33.38 12.48 16.94
CA LEU A 65 32.78 11.26 16.37
C LEU A 65 31.64 11.58 15.40
N VAL A 66 30.87 12.64 15.72
CA VAL A 66 29.75 13.13 14.95
C VAL A 66 30.22 13.46 13.53
N GLU A 67 31.30 14.25 13.39
CA GLU A 67 31.79 14.62 12.05
C GLU A 67 32.63 13.52 11.38
N THR A 68 33.34 12.69 12.15
CA THR A 68 34.18 11.65 11.55
C THR A 68 33.34 10.49 10.98
N ILE A 69 32.24 10.07 11.67
CA ILE A 69 31.35 9.01 11.18
C ILE A 69 30.52 9.53 9.99
N LEU A 70 30.05 10.80 10.07
CA LEU A 70 29.25 11.40 9.01
C LEU A 70 30.01 11.51 7.69
N SER A 71 31.27 12.01 7.72
CA SER A 71 32.08 12.12 6.52
C SER A 71 32.43 10.74 5.92
N GLU A 72 32.52 9.69 6.77
CA GLU A 72 32.78 8.32 6.30
C GLU A 72 31.53 7.72 5.65
N LYS A 73 30.35 7.91 6.28
CA LYS A 73 29.04 7.46 5.78
C LYS A 73 28.79 8.10 4.39
N LYS A 74 29.00 9.44 4.28
CA LYS A 74 28.82 10.18 3.02
C LYS A 74 29.68 9.56 1.92
N LYS A 75 30.95 9.24 2.26
CA LYS A 75 31.92 8.62 1.36
C LYS A 75 31.48 7.20 0.97
N LEU A 76 31.06 6.37 1.98
CA LEU A 76 30.60 5.00 1.81
C LEU A 76 29.34 4.88 0.93
N CYS A 77 28.47 5.89 0.99
CA CYS A 77 27.25 5.92 0.19
C CYS A 77 27.50 6.14 -1.30
N LEU A 78 28.74 6.50 -1.68
CA LEU A 78 29.10 6.69 -3.09
C LEU A 78 29.41 5.35 -3.74
N CYS A 79 29.94 4.39 -2.94
CA CYS A 79 30.28 3.03 -3.39
C CYS A 79 29.05 2.33 -3.92
N ALA A 80 29.12 1.91 -5.21
CA ALA A 80 28.03 1.25 -5.94
C ALA A 80 27.28 0.18 -5.15
N ALA A 81 28.02 -0.65 -4.37
CA ALA A 81 27.50 -1.74 -3.55
C ALA A 81 26.56 -1.29 -2.41
N ASN A 82 26.75 -0.05 -1.91
CA ASN A 82 26.01 0.55 -0.80
C ASN A 82 24.81 1.44 -1.19
N LYS A 83 24.47 1.49 -2.46
CA LYS A 83 23.42 2.37 -2.95
C LYS A 83 22.01 1.92 -2.56
N ASN A 84 21.83 0.68 -2.08
CA ASN A 84 20.53 0.18 -1.64
C ASN A 84 20.52 -0.03 -0.10
N GLU A 85 21.50 0.60 0.58
CA GLU A 85 21.65 0.54 2.03
C GLU A 85 20.82 1.64 2.69
N LEU A 86 20.24 1.35 3.87
CA LEU A 86 19.36 2.21 4.64
C LEU A 86 19.83 3.63 4.81
N LEU A 87 21.01 3.83 5.41
CA LEU A 87 21.54 5.16 5.65
C LEU A 87 21.76 5.96 4.37
N CYS A 88 21.87 5.24 3.24
CA CYS A 88 22.12 5.85 1.95
C CYS A 88 20.86 6.29 1.24
N ARG A 89 19.77 5.50 1.24
CA ARG A 89 18.57 5.95 0.52
C ARG A 89 17.22 5.53 1.15
N GLY A 90 17.30 4.99 2.36
CA GLY A 90 16.12 4.56 3.09
C GLY A 90 15.55 5.64 3.98
N MET A 91 16.33 6.69 4.26
CA MET A 91 15.87 7.76 5.14
C MET A 91 14.83 8.66 4.48
N ASN A 92 13.88 9.18 5.29
CA ASN A 92 12.86 10.12 4.79
C ASN A 92 13.62 11.43 4.44
N PRO A 93 13.69 11.81 3.13
CA PRO A 93 14.46 13.02 2.76
C PRO A 93 13.95 14.33 3.35
N ASN A 94 12.62 14.49 3.42
CA ASN A 94 11.87 15.68 3.87
C ASN A 94 11.89 15.96 5.39
N VAL A 95 12.80 15.32 6.13
CA VAL A 95 12.99 15.53 7.58
C VAL A 95 14.48 15.67 7.85
N PRO A 96 14.86 16.55 8.79
CA PRO A 96 16.30 16.70 9.09
C PRO A 96 16.92 15.38 9.58
N GLU A 97 18.12 15.08 9.05
CA GLU A 97 18.97 13.89 9.27
C GLU A 97 19.17 13.50 10.75
N THR A 98 18.69 12.30 11.14
CA THR A 98 18.80 11.80 12.52
C THR A 98 20.25 11.44 12.92
N LEU A 99 21.03 10.83 11.97
CA LEU A 99 22.40 10.34 12.21
C LEU A 99 23.26 11.30 13.05
N PRO A 100 23.45 12.59 12.71
CA PRO A 100 24.25 13.48 13.60
C PRO A 100 23.74 13.56 15.03
N LYS A 101 22.39 13.63 15.24
CA LYS A 101 21.82 13.67 16.59
C LYS A 101 22.03 12.36 17.32
N LYS A 102 21.84 11.23 16.63
CA LYS A 102 22.02 9.90 17.18
C LYS A 102 23.44 9.68 17.69
N ILE A 103 24.47 10.14 16.93
CA ILE A 103 25.88 10.05 17.36
C ILE A 103 26.11 10.96 18.58
N GLU A 104 25.61 12.21 18.52
CA GLU A 104 25.70 13.17 19.62
C GLU A 104 25.06 12.64 20.92
N VAL A 105 23.87 12.00 20.83
CA VAL A 105 23.15 11.45 21.98
C VAL A 105 23.92 10.24 22.54
N ALA A 106 24.36 9.34 21.64
CA ALA A 106 25.12 8.12 21.99
C ALA A 106 26.32 8.48 22.88
N VAL A 107 27.20 9.35 22.37
CA VAL A 107 28.42 9.85 23.00
C VAL A 107 28.12 10.49 24.38
N ASN A 108 27.10 11.36 24.45
CA ASN A 108 26.72 11.99 25.71
C ASN A 108 26.17 11.00 26.72
N GLU A 109 25.34 10.03 26.27
CA GLU A 109 24.77 9.01 27.16
C GLU A 109 25.85 8.13 27.76
N VAL A 110 26.82 7.70 26.91
CA VAL A 110 27.94 6.87 27.32
C VAL A 110 28.74 7.66 28.36
N LEU A 111 29.06 8.94 28.01
CA LEU A 111 29.83 9.83 28.88
C LEU A 111 29.19 9.97 30.20
N SER A 112 27.86 10.16 30.29
CA SER A 112 27.20 10.25 31.59
C SER A 112 27.42 8.95 32.37
N SER A 113 26.94 7.81 31.83
CA SER A 113 27.06 6.47 32.40
C SER A 113 28.46 6.18 32.94
N VAL A 114 29.49 6.57 32.18
CA VAL A 114 30.89 6.37 32.51
C VAL A 114 31.38 7.42 33.55
N ASN A 115 31.14 8.73 33.31
CA ASN A 115 31.53 9.85 34.20
C ASN A 115 30.81 9.83 35.55
N ASP A 116 29.70 9.06 35.70
CA ASP A 116 29.12 8.91 37.02
C ASP A 116 29.63 7.57 37.58
N THR A 117 30.94 7.60 37.97
CA THR A 117 31.73 6.49 38.53
C THR A 117 31.18 6.02 39.89
N TRP A 118 30.53 6.92 40.67
CA TRP A 118 29.98 6.60 41.99
C TRP A 118 28.53 7.02 42.16
N HIS B 33 -1.23 -3.71 48.31
CA HIS B 33 -2.42 -4.27 47.66
C HIS B 33 -3.32 -3.20 47.01
N LEU B 34 -2.74 -2.19 46.37
CA LEU B 34 -3.54 -1.15 45.72
C LEU B 34 -3.83 -1.49 44.26
N PRO B 35 -5.04 -1.18 43.79
CA PRO B 35 -5.38 -1.49 42.39
C PRO B 35 -4.32 -0.93 41.42
N LYS B 36 -3.78 -1.75 40.52
CA LYS B 36 -2.75 -1.26 39.60
C LYS B 36 -3.29 -0.12 38.74
N PRO B 37 -2.44 0.75 38.25
CA PRO B 37 -2.97 1.87 37.45
C PRO B 37 -3.12 1.51 35.98
N THR B 38 -3.70 2.46 35.25
CA THR B 38 -3.96 2.35 33.82
C THR B 38 -3.10 3.36 33.11
N LEU B 39 -2.41 2.92 32.05
CA LEU B 39 -1.57 3.81 31.26
C LEU B 39 -2.09 3.87 29.85
N TRP B 40 -2.41 5.08 29.37
CA TRP B 40 -2.88 5.29 27.99
C TRP B 40 -2.25 6.55 27.38
N ALA B 41 -2.48 6.80 26.08
CA ALA B 41 -1.88 7.95 25.45
C ALA B 41 -2.85 8.73 24.62
N GLU B 42 -2.92 10.04 24.89
CA GLU B 42 -3.77 10.99 24.17
C GLU B 42 -2.87 11.71 23.17
N PRO B 43 -3.08 11.64 21.84
CA PRO B 43 -4.20 11.03 21.12
C PRO B 43 -4.08 9.54 20.75
N GLY B 44 -2.91 8.94 20.91
CA GLY B 44 -2.66 7.55 20.53
C GLY B 44 -1.24 7.11 20.81
N SER B 45 -0.94 5.80 20.56
CA SER B 45 0.39 5.22 20.80
C SER B 45 1.31 5.44 19.59
N VAL B 46 0.76 5.41 18.36
CA VAL B 46 1.50 5.57 17.10
C VAL B 46 1.35 7.03 16.65
N ILE B 47 2.39 7.85 16.87
CA ILE B 47 2.36 9.27 16.55
C ILE B 47 3.42 9.59 15.52
N THR B 48 3.16 10.57 14.65
CA THR B 48 4.16 11.00 13.65
C THR B 48 5.18 11.88 14.37
N GLN B 49 6.43 11.96 13.88
CA GLN B 49 7.40 12.82 14.52
C GLN B 49 6.94 14.29 14.54
N GLY B 50 7.23 15.01 15.62
CA GLY B 50 6.88 16.41 15.81
C GLY B 50 5.56 16.67 16.50
N SER B 51 4.55 15.83 16.21
CA SER B 51 3.20 15.90 16.74
C SER B 51 3.16 15.76 18.27
N PRO B 52 2.23 16.42 18.99
CA PRO B 52 2.20 16.24 20.44
C PRO B 52 1.55 14.92 20.85
N VAL B 53 1.77 14.56 22.11
CA VAL B 53 1.22 13.38 22.77
C VAL B 53 1.30 13.63 24.28
N THR B 54 0.46 12.94 25.04
CA THR B 54 0.44 13.02 26.51
C THR B 54 0.19 11.63 27.04
N LEU B 55 1.14 11.13 27.82
CA LEU B 55 1.00 9.81 28.43
C LEU B 55 0.25 10.05 29.72
N ARG B 56 -0.82 9.30 29.92
CA ARG B 56 -1.70 9.50 31.05
C ARG B 56 -1.80 8.29 31.96
N CYS B 57 -1.66 8.51 33.25
CA CYS B 57 -1.74 7.45 34.25
C CYS B 57 -2.89 7.74 35.21
N GLN B 58 -3.59 6.68 35.61
CA GLN B 58 -4.73 6.82 36.52
C GLN B 58 -4.80 5.63 37.48
N GLY B 59 -4.83 5.93 38.77
CA GLY B 59 -4.90 4.91 39.79
C GLY B 59 -5.77 5.33 40.96
N GLY B 60 -6.97 4.77 41.00
CA GLY B 60 -7.92 5.09 42.04
C GLY B 60 -8.32 6.54 41.89
N GLN B 61 -9.03 7.06 42.88
CA GLN B 61 -9.48 8.46 42.86
C GLN B 61 -8.47 9.37 43.54
N GLU B 62 -7.47 8.76 44.18
CA GLU B 62 -6.45 9.53 44.88
C GLU B 62 -5.38 10.04 43.92
N THR B 63 -4.48 10.88 44.42
CA THR B 63 -3.41 11.44 43.61
C THR B 63 -2.23 11.86 44.47
N GLN B 64 -1.44 12.80 43.95
CA GLN B 64 -0.27 13.29 44.67
C GLN B 64 0.88 12.29 44.62
N GLU B 65 0.72 11.25 43.82
CA GLU B 65 1.74 10.21 43.69
C GLU B 65 1.62 9.51 42.34
N TYR B 66 2.62 9.72 41.48
CA TYR B 66 2.64 9.11 40.15
C TYR B 66 4.07 8.90 39.67
N ARG B 67 4.26 7.90 38.81
CA ARG B 67 5.59 7.59 38.29
C ARG B 67 5.51 6.92 36.92
N LEU B 68 6.34 7.38 35.99
CA LEU B 68 6.35 6.81 34.65
C LEU B 68 7.77 6.42 34.27
N TYR B 69 7.91 5.31 33.56
CA TYR B 69 9.24 4.85 33.18
C TYR B 69 9.31 4.02 31.90
N ARG B 70 10.32 4.31 31.10
CA ARG B 70 10.52 3.62 29.84
C ARG B 70 11.18 2.33 30.24
N GLU B 71 11.15 1.36 29.33
CA GLU B 71 11.74 0.09 29.63
C GLU B 71 13.12 0.06 29.01
N LYS B 72 14.04 -0.59 29.70
CA LYS B 72 15.41 -0.74 29.19
C LYS B 72 16.25 0.54 29.18
N LYS B 73 15.79 1.60 28.54
CA LYS B 73 16.59 2.82 28.51
C LYS B 73 15.86 3.95 29.22
N THR B 74 16.37 4.40 30.36
CA THR B 74 15.65 5.49 31.04
C THR B 74 15.30 6.61 30.04
N ALA B 75 14.16 7.28 30.26
CA ALA B 75 13.73 8.41 29.43
C ALA B 75 13.84 9.64 30.34
N LEU B 76 14.85 10.50 30.06
CA LEU B 76 15.11 11.70 30.88
C LEU B 76 14.00 12.74 30.84
N TRP B 77 13.33 12.92 29.67
CA TRP B 77 12.22 13.84 29.50
C TRP B 77 11.24 13.81 30.68
N ILE B 78 10.99 12.60 31.24
CA ILE B 78 10.09 12.37 32.37
C ILE B 78 10.50 13.22 33.59
N THR B 79 11.81 13.34 33.87
CA THR B 79 12.35 14.10 35.03
C THR B 79 12.01 15.58 34.96
N ARG B 80 12.05 16.13 33.73
CA ARG B 80 11.78 17.53 33.41
C ARG B 80 10.28 17.90 33.41
N ILE B 81 9.37 17.00 33.82
CA ILE B 81 7.94 17.31 33.85
C ILE B 81 7.55 17.90 35.21
N PRO B 82 6.82 19.06 35.18
CA PRO B 82 6.39 19.73 36.43
C PRO B 82 5.66 18.82 37.39
N GLN B 83 6.04 18.95 38.67
CA GLN B 83 5.52 18.16 39.79
C GLN B 83 4.01 18.36 40.00
N GLU B 84 3.46 19.45 39.43
CA GLU B 84 2.04 19.76 39.48
C GLU B 84 1.28 18.89 38.48
N LEU B 85 1.96 18.48 37.40
CA LEU B 85 1.40 17.63 36.34
C LEU B 85 1.54 16.16 36.64
N VAL B 86 2.64 15.77 37.26
CA VAL B 86 2.90 14.39 37.66
C VAL B 86 1.77 13.95 38.60
N LYS B 87 1.39 14.83 39.56
CA LYS B 87 0.33 14.61 40.55
C LYS B 87 -1.02 14.34 39.91
N LYS B 88 -1.24 14.91 38.71
CA LYS B 88 -2.46 14.78 37.92
C LYS B 88 -2.37 13.54 36.97
N GLY B 89 -1.21 12.86 37.01
CA GLY B 89 -0.91 11.71 36.16
C GLY B 89 -0.80 12.13 34.72
N GLN B 90 -0.09 13.25 34.48
CA GLN B 90 0.08 13.83 33.15
C GLN B 90 1.55 14.00 32.80
N PHE B 91 1.96 13.38 31.69
CA PHE B 91 3.33 13.42 31.19
C PHE B 91 3.25 13.78 29.73
N PRO B 92 3.24 15.09 29.41
CA PRO B 92 3.06 15.51 28.01
C PRO B 92 4.37 15.66 27.25
N ILE B 93 4.29 15.39 25.96
CA ILE B 93 5.38 15.50 25.00
C ILE B 93 4.88 16.53 23.96
N PRO B 94 5.41 17.78 24.00
CA PRO B 94 4.97 18.78 23.02
C PRO B 94 5.31 18.38 21.58
N SER B 95 6.55 17.92 21.35
CA SER B 95 7.00 17.47 20.03
C SER B 95 7.70 16.14 20.21
N ILE B 96 7.15 15.06 19.60
CA ILE B 96 7.72 13.72 19.77
C ILE B 96 8.80 13.41 18.74
N THR B 97 9.92 12.86 19.22
CA THR B 97 11.05 12.41 18.42
C THR B 97 11.36 10.98 18.87
N TRP B 98 12.22 10.27 18.13
CA TRP B 98 12.67 8.91 18.44
C TRP B 98 13.21 8.75 19.89
N GLU B 99 13.63 9.87 20.47
CA GLU B 99 14.15 9.89 21.82
C GLU B 99 13.07 9.59 22.83
N HIS B 100 11.80 9.77 22.45
CA HIS B 100 10.68 9.47 23.32
C HIS B 100 10.12 8.07 23.07
N ALA B 101 10.29 7.57 21.84
CA ALA B 101 9.81 6.24 21.44
C ALA B 101 10.27 5.14 22.41
N GLY B 102 9.39 4.19 22.68
CA GLY B 102 9.70 3.09 23.58
C GLY B 102 8.49 2.57 24.33
N ARG B 103 8.74 1.54 25.14
CA ARG B 103 7.71 0.91 25.96
C ARG B 103 7.71 1.54 27.35
N TYR B 104 6.54 2.00 27.75
CA TYR B 104 6.35 2.64 29.06
C TYR B 104 5.48 1.83 29.92
N ARG B 105 5.68 1.96 31.21
CA ARG B 105 4.82 1.35 32.22
C ARG B 105 4.68 2.40 33.28
N CYS B 106 3.65 2.27 34.11
CA CYS B 106 3.40 3.25 35.15
C CYS B 106 3.17 2.61 36.51
N TYR B 107 3.32 3.44 37.55
CA TYR B 107 3.13 2.99 38.92
C TYR B 107 3.05 4.15 39.92
N TYR B 108 2.32 3.95 41.01
CA TYR B 108 2.13 4.97 42.04
C TYR B 108 2.35 4.38 43.44
N GLY B 109 3.08 5.11 44.27
CA GLY B 109 3.39 4.62 45.60
C GLY B 109 3.26 5.68 46.67
N SER B 110 2.46 5.37 47.68
CA SER B 110 2.25 6.32 48.79
C SER B 110 3.38 6.24 49.81
N ASP B 111 3.23 7.01 50.88
CA ASP B 111 4.25 7.02 51.94
C ASP B 111 4.15 5.79 52.83
N THR B 112 3.11 5.75 53.65
CA THR B 112 2.89 4.61 54.55
C THR B 112 2.81 3.30 53.78
N ALA B 113 2.22 3.37 52.59
CA ALA B 113 2.09 2.20 51.74
C ALA B 113 3.42 1.99 51.04
N GLY B 114 3.48 0.96 50.21
CA GLY B 114 4.68 0.65 49.48
C GLY B 114 4.44 1.33 48.15
N ARG B 115 3.70 0.65 47.28
CA ARG B 115 3.39 1.19 45.96
C ARG B 115 2.57 0.20 45.14
N SER B 116 1.94 0.69 44.07
CA SER B 116 1.13 -0.16 43.21
C SER B 116 1.99 -0.89 42.18
N GLU B 117 1.52 -2.05 41.74
CA GLU B 117 2.24 -2.84 40.76
C GLU B 117 2.16 -2.10 39.42
N SER B 118 3.15 -2.29 38.55
CA SER B 118 3.22 -1.59 37.29
C SER B 118 2.09 -1.89 36.31
N SER B 119 1.56 -0.81 35.75
CA SER B 119 0.54 -0.78 34.73
C SER B 119 0.94 -1.69 33.53
N ASP B 120 -0.03 -2.07 32.69
CA ASP B 120 0.27 -2.86 31.51
C ASP B 120 1.06 -1.95 30.57
N PRO B 121 1.92 -2.51 29.72
CA PRO B 121 2.81 -1.66 28.93
C PRO B 121 2.15 -0.82 27.89
N LEU B 122 2.73 0.35 27.56
CA LEU B 122 2.25 1.21 26.49
C LEU B 122 3.42 1.41 25.54
N GLU B 123 3.28 0.95 24.28
CA GLU B 123 4.33 1.02 23.27
C GLU B 123 4.14 2.30 22.50
N LEU B 124 4.97 3.32 22.81
CA LEU B 124 4.94 4.67 22.23
C LEU B 124 5.83 4.66 20.99
N VAL B 125 5.19 4.76 19.83
CA VAL B 125 5.84 4.64 18.53
C VAL B 125 5.91 5.99 17.79
N VAL B 126 7.06 6.27 17.16
CA VAL B 126 7.30 7.50 16.43
C VAL B 126 7.50 7.18 14.95
N THR B 127 6.55 7.61 14.11
CA THR B 127 6.61 7.34 12.67
C THR B 127 7.24 8.49 11.84
N GLY B 128 7.60 8.16 10.60
CA GLY B 128 8.17 9.08 9.61
C GLY B 128 9.68 9.05 9.45
N ALA B 129 10.34 8.05 9.98
CA ALA B 129 11.78 7.95 9.94
C ALA B 129 12.36 7.61 8.59
N TYR B 130 11.67 6.72 7.84
CA TYR B 130 12.13 6.19 6.55
C TYR B 130 11.09 6.24 5.43
N ILE B 131 11.56 6.03 4.18
CA ILE B 131 10.76 6.00 2.94
C ILE B 131 9.63 5.00 3.09
N LYS B 132 8.38 5.43 2.81
CA LYS B 132 7.20 4.60 2.97
C LYS B 132 7.23 3.26 2.22
N PRO B 133 6.75 2.15 2.84
CA PRO B 133 6.64 0.90 2.08
C PRO B 133 5.38 0.88 1.17
N THR B 134 5.17 -0.22 0.48
CA THR B 134 4.08 -0.44 -0.46
C THR B 134 3.17 -1.55 0.09
N LEU B 135 1.87 -1.26 0.25
CA LEU B 135 0.93 -2.27 0.76
C LEU B 135 0.00 -2.74 -0.39
N SER B 136 -0.30 -4.05 -0.45
CA SER B 136 -1.14 -4.61 -1.52
C SER B 136 -1.83 -5.86 -1.05
N ALA B 137 -3.03 -6.18 -1.56
CA ALA B 137 -3.74 -7.40 -1.20
C ALA B 137 -3.49 -8.49 -2.26
N GLN B 138 -3.20 -9.71 -1.82
CA GLN B 138 -2.94 -10.83 -2.73
C GLN B 138 -4.05 -11.87 -2.57
N PRO B 139 -4.77 -12.20 -3.67
CA PRO B 139 -4.57 -11.76 -5.07
C PRO B 139 -5.30 -10.49 -5.50
N SER B 140 -6.29 -10.03 -4.74
CA SER B 140 -7.08 -8.85 -5.05
C SER B 140 -7.58 -8.20 -3.75
N PRO B 141 -7.84 -6.86 -3.72
CA PRO B 141 -8.42 -6.25 -2.52
C PRO B 141 -9.92 -6.56 -2.37
N VAL B 142 -10.47 -7.31 -3.35
CA VAL B 142 -11.88 -7.69 -3.37
C VAL B 142 -12.02 -9.02 -2.66
N VAL B 143 -12.66 -9.02 -1.49
CA VAL B 143 -12.79 -10.21 -0.66
C VAL B 143 -14.22 -10.58 -0.45
N ASN B 144 -14.52 -11.89 -0.43
CA ASN B 144 -15.85 -12.39 -0.12
C ASN B 144 -16.02 -12.32 1.38
N SER B 145 -17.25 -12.00 1.85
CA SER B 145 -17.56 -11.95 3.28
C SER B 145 -17.25 -13.34 3.91
N GLY B 146 -16.52 -13.34 5.02
CA GLY B 146 -16.11 -14.57 5.69
C GLY B 146 -14.76 -15.11 5.23
N GLY B 147 -14.28 -14.58 4.11
CA GLY B 147 -13.00 -14.93 3.52
C GLY B 147 -11.81 -14.27 4.19
N ASN B 148 -10.62 -14.71 3.79
CA ASN B 148 -9.37 -14.17 4.29
C ASN B 148 -8.63 -13.60 3.10
N VAL B 149 -7.65 -12.74 3.35
CA VAL B 149 -6.82 -12.11 2.32
C VAL B 149 -5.37 -11.97 2.83
N ILE B 150 -4.38 -12.10 1.95
CA ILE B 150 -2.99 -11.86 2.31
C ILE B 150 -2.70 -10.39 2.00
N LEU B 151 -2.10 -9.66 2.94
CA LEU B 151 -1.67 -8.27 2.69
C LEU B 151 -0.17 -8.30 2.71
N GLN B 152 0.43 -7.78 1.65
CA GLN B 152 1.85 -7.81 1.40
C GLN B 152 2.43 -6.44 1.59
N CYS B 153 3.43 -6.34 2.44
CA CYS B 153 4.10 -5.08 2.69
C CYS B 153 5.49 -5.18 2.05
N ASP B 154 5.84 -4.20 1.20
CA ASP B 154 7.06 -4.20 0.39
C ASP B 154 7.90 -2.96 0.57
N SER B 155 9.21 -3.11 0.63
CA SER B 155 10.09 -1.95 0.79
C SER B 155 11.17 -1.92 -0.28
N GLN B 156 11.68 -0.72 -0.64
CA GLN B 156 12.77 -0.67 -1.61
C GLN B 156 14.05 -1.22 -0.97
N VAL B 157 14.45 -0.58 0.13
CA VAL B 157 15.58 -0.92 0.99
C VAL B 157 15.16 -2.07 1.92
N ALA B 158 16.13 -2.87 2.38
CA ALA B 158 15.89 -3.96 3.32
C ALA B 158 15.58 -3.47 4.76
N PHE B 159 14.61 -4.11 5.43
CA PHE B 159 14.20 -3.86 6.81
C PHE B 159 13.96 -5.18 7.51
N ASP B 160 14.38 -5.31 8.82
CA ASP B 160 14.13 -6.57 9.54
C ASP B 160 12.84 -6.53 10.34
N GLY B 161 12.06 -5.45 10.16
CA GLY B 161 10.80 -5.28 10.84
C GLY B 161 9.72 -4.62 10.00
N PHE B 162 8.50 -5.16 10.10
CA PHE B 162 7.32 -4.66 9.43
C PHE B 162 6.17 -4.75 10.39
N SER B 163 5.22 -3.83 10.32
CA SER B 163 4.03 -3.78 11.13
C SER B 163 2.85 -3.36 10.26
N LEU B 164 1.68 -4.01 10.42
CA LEU B 164 0.46 -3.73 9.66
C LEU B 164 -0.54 -3.17 10.64
N CYS B 165 -1.13 -2.01 10.35
CA CYS B 165 -2.10 -1.36 11.21
C CYS B 165 -3.44 -1.29 10.59
N LYS B 166 -4.51 -1.62 11.36
CA LYS B 166 -5.91 -1.52 10.94
C LYS B 166 -6.42 -0.16 11.40
N GLU B 167 -7.10 0.58 10.51
CA GLU B 167 -7.66 1.90 10.82
C GLU B 167 -9.17 1.93 10.69
N GLY B 168 -9.78 2.74 11.53
CA GLY B 168 -11.21 2.99 11.55
C GLY B 168 -11.46 4.45 11.84
N GLU B 169 -12.64 4.96 11.55
CA GLU B 169 -12.92 6.35 11.85
C GLU B 169 -13.22 6.47 13.35
N ASP B 170 -14.20 5.71 13.80
CA ASP B 170 -14.56 5.70 15.23
C ASP B 170 -13.45 5.03 16.07
N GLU B 171 -12.52 4.29 15.39
CA GLU B 171 -11.45 3.51 16.02
C GLU B 171 -10.04 4.11 15.98
N HIS B 172 -9.21 3.65 16.93
CA HIS B 172 -7.79 3.96 17.10
C HIS B 172 -6.99 2.87 16.38
N PRO B 173 -5.77 3.15 15.86
CA PRO B 173 -5.01 2.08 15.18
C PRO B 173 -4.82 0.80 16.00
N GLN B 174 -4.83 -0.35 15.31
CA GLN B 174 -4.64 -1.66 15.88
C GLN B 174 -3.56 -2.32 15.02
N CYS B 175 -2.31 -2.30 15.52
CA CYS B 175 -1.16 -2.84 14.80
C CYS B 175 -0.80 -4.25 15.22
N LEU B 176 -0.03 -4.89 14.41
CA LEU B 176 0.40 -6.25 14.53
C LEU B 176 1.67 -6.24 13.75
N ASN B 177 2.68 -6.94 14.21
CA ASN B 177 3.89 -6.85 13.44
C ASN B 177 4.51 -8.19 13.18
N SER B 178 5.43 -8.25 12.20
CA SER B 178 6.13 -9.46 11.90
C SER B 178 7.55 -9.26 11.39
N GLN B 179 8.48 -9.90 12.13
CA GLN B 179 9.91 -10.18 11.91
C GLN B 179 10.02 -11.71 11.60
N PRO B 180 9.16 -12.61 12.22
CA PRO B 180 9.17 -14.03 11.79
C PRO B 180 8.17 -14.18 10.63
N HIS B 181 8.62 -14.77 9.48
CA HIS B 181 7.85 -14.93 8.21
C HIS B 181 7.70 -13.54 7.47
N ALA B 182 8.70 -12.65 7.72
CA ALA B 182 8.95 -11.34 7.14
C ALA B 182 10.13 -11.65 6.24
N ARG B 183 9.83 -12.33 5.12
CA ARG B 183 10.76 -12.85 4.11
C ARG B 183 11.59 -11.80 3.33
N GLY B 184 12.71 -12.27 2.76
CA GLY B 184 13.65 -11.51 1.94
C GLY B 184 14.21 -10.21 2.51
N SER B 185 13.84 -9.89 3.78
CA SER B 185 14.22 -8.67 4.50
C SER B 185 13.78 -7.44 3.71
N SER B 186 12.88 -7.60 2.75
CA SER B 186 12.40 -6.49 1.94
C SER B 186 10.89 -6.59 1.75
N ARG B 187 10.26 -7.60 2.36
CA ARG B 187 8.85 -7.89 2.24
C ARG B 187 8.29 -8.66 3.44
N ALA B 188 7.06 -8.35 3.83
CA ALA B 188 6.40 -9.07 4.92
C ALA B 188 4.95 -9.41 4.49
N ILE B 189 4.43 -10.52 5.01
CA ILE B 189 3.12 -11.00 4.62
C ILE B 189 2.23 -11.22 5.82
N PHE B 190 0.97 -10.85 5.70
CA PHE B 190 0.03 -10.95 6.80
C PHE B 190 -1.29 -11.48 6.33
N SER B 191 -1.80 -12.52 6.98
CA SER B 191 -3.07 -13.11 6.56
C SER B 191 -4.28 -12.50 7.28
N VAL B 192 -4.87 -11.48 6.68
CA VAL B 192 -6.04 -10.84 7.27
C VAL B 192 -7.05 -11.95 7.53
N GLY B 193 -7.76 -11.86 8.66
CA GLY B 193 -8.75 -12.86 9.04
C GLY B 193 -10.14 -12.74 8.45
N PRO B 194 -11.11 -13.42 9.06
CA PRO B 194 -12.48 -13.38 8.54
C PRO B 194 -12.95 -11.95 8.29
N VAL B 195 -13.18 -11.58 7.03
CA VAL B 195 -13.66 -10.24 6.71
C VAL B 195 -15.17 -10.19 6.74
N SER B 196 -15.69 -9.28 7.54
CA SER B 196 -17.13 -9.06 7.73
C SER B 196 -17.54 -7.70 7.19
N PRO B 197 -18.76 -7.59 6.66
CA PRO B 197 -19.25 -6.29 6.19
C PRO B 197 -19.76 -5.41 7.35
N SER B 198 -19.45 -5.80 8.57
CA SER B 198 -19.86 -5.09 9.78
C SER B 198 -19.07 -3.78 10.08
N ARG B 199 -18.07 -3.41 9.22
CA ARG B 199 -17.16 -2.25 9.41
C ARG B 199 -16.33 -1.95 8.16
N ARG B 200 -15.81 -0.70 8.05
CA ARG B 200 -14.94 -0.31 6.95
C ARG B 200 -13.47 -0.66 7.23
N TRP B 201 -12.91 -1.54 6.40
CA TRP B 201 -11.54 -2.01 6.56
C TRP B 201 -10.46 -1.16 5.89
N TRP B 202 -9.71 -0.45 6.72
CA TRP B 202 -8.59 0.38 6.27
C TRP B 202 -7.24 -0.11 6.80
N TYR B 203 -6.21 -0.14 5.95
CA TYR B 203 -4.92 -0.66 6.38
C TYR B 203 -3.74 0.14 5.92
N ARG B 204 -2.72 0.27 6.78
CA ARG B 204 -1.43 0.89 6.46
C ARG B 204 -0.33 -0.03 6.99
N CYS B 205 0.82 -0.03 6.35
CA CYS B 205 1.90 -0.84 6.87
C CYS B 205 3.10 0.03 6.99
N TYR B 206 3.99 -0.39 7.91
CA TYR B 206 5.20 0.30 8.27
C TYR B 206 6.39 -0.63 8.22
N ALA B 207 7.58 -0.06 7.99
CA ALA B 207 8.84 -0.79 7.97
C ALA B 207 9.73 -0.16 9.05
N TYR B 208 10.56 -0.96 9.75
CA TYR B 208 11.44 -0.43 10.80
C TYR B 208 12.70 -1.28 10.97
N ASP B 209 13.77 -0.72 11.60
CA ASP B 209 14.98 -1.52 11.88
C ASP B 209 14.87 -1.91 13.33
N SER B 210 15.18 -3.17 13.66
CA SER B 210 15.05 -3.69 15.03
C SER B 210 16.04 -3.06 16.04
N ASN B 211 17.06 -2.32 15.57
CA ASN B 211 17.95 -1.59 16.48
C ASN B 211 17.26 -0.33 17.08
N SER B 212 16.02 -0.01 16.63
CA SER B 212 15.14 1.09 17.09
C SER B 212 13.71 0.67 16.74
N PRO B 213 13.10 -0.34 17.42
CA PRO B 213 11.83 -0.87 16.94
C PRO B 213 10.60 -0.02 17.22
N TYR B 214 10.80 1.14 17.86
CA TYR B 214 9.67 2.02 18.16
C TYR B 214 9.75 3.26 17.26
N GLU B 215 10.73 3.26 16.35
CA GLU B 215 10.95 4.31 15.36
C GLU B 215 10.64 3.69 13.98
N TRP B 216 9.40 3.91 13.52
CA TRP B 216 8.85 3.38 12.28
C TRP B 216 9.00 4.34 11.13
N SER B 217 8.89 3.81 9.91
CA SER B 217 8.94 4.53 8.64
C SER B 217 7.74 5.44 8.49
N LEU B 218 7.65 6.13 7.35
CA LEU B 218 6.47 6.89 6.94
C LEU B 218 5.41 5.82 6.62
N PRO B 219 4.11 6.05 6.89
CA PRO B 219 3.12 4.99 6.56
C PRO B 219 2.97 4.73 5.06
N SER B 220 2.53 3.50 4.70
CA SER B 220 2.20 3.15 3.31
C SER B 220 0.85 3.83 3.01
N ASP B 221 0.49 4.01 1.74
CA ASP B 221 -0.82 4.61 1.42
C ASP B 221 -1.95 3.70 1.93
N LEU B 222 -3.10 4.26 2.33
CA LEU B 222 -4.20 3.45 2.86
C LEU B 222 -4.63 2.36 1.92
N LEU B 223 -4.96 1.19 2.43
CA LEU B 223 -5.52 0.14 1.59
C LEU B 223 -6.91 -0.20 2.11
N GLU B 224 -7.94 -0.14 1.22
CA GLU B 224 -9.32 -0.49 1.58
C GLU B 224 -9.71 -1.74 0.86
N LEU B 225 -10.38 -2.63 1.54
CA LEU B 225 -10.80 -3.89 0.93
C LEU B 225 -12.22 -3.75 0.54
N LEU B 226 -12.63 -4.46 -0.50
CA LEU B 226 -14.03 -4.44 -0.86
C LEU B 226 -14.66 -5.73 -0.40
N VAL B 227 -15.46 -5.70 0.69
CA VAL B 227 -16.10 -6.93 1.14
C VAL B 227 -17.40 -7.16 0.40
N LEU B 228 -17.58 -8.38 -0.10
CA LEU B 228 -18.72 -8.74 -0.92
C LEU B 228 -19.89 -9.48 -0.23
N GLY B 229 -21.08 -9.22 -0.76
CA GLY B 229 -22.34 -9.88 -0.43
C GLY B 229 -22.87 -10.61 -1.67
N VAL B 230 -24.11 -11.13 -1.58
CA VAL B 230 -24.67 -11.91 -2.69
C VAL B 230 -25.69 -11.10 -3.51
N SER B 231 -26.03 -9.86 -3.05
CA SER B 231 -26.93 -8.83 -3.61
C SER B 231 -26.89 -8.75 -5.18
N LYS B 232 -28.05 -8.50 -5.84
CA LYS B 232 -28.17 -8.44 -7.32
C LYS B 232 -27.00 -7.72 -8.05
N LYS B 233 -26.38 -8.39 -9.02
CA LYS B 233 -25.25 -7.80 -9.71
C LYS B 233 -25.62 -6.59 -10.62
N PRO B 234 -24.76 -5.55 -10.73
CA PRO B 234 -25.07 -4.45 -11.64
C PRO B 234 -24.60 -4.82 -13.05
N SER B 235 -24.72 -3.90 -13.99
CA SER B 235 -24.29 -4.18 -15.36
C SER B 235 -23.29 -3.12 -15.75
N LEU B 236 -22.17 -3.58 -16.37
CA LEU B 236 -21.04 -2.76 -16.79
C LEU B 236 -21.04 -2.56 -18.28
N SER B 237 -21.04 -1.30 -18.71
CA SER B 237 -20.96 -0.98 -20.13
C SER B 237 -19.78 -0.01 -20.36
N VAL B 238 -19.49 0.29 -21.64
CA VAL B 238 -18.46 1.23 -22.05
C VAL B 238 -18.98 1.96 -23.26
N GLN B 239 -18.76 3.29 -23.27
CA GLN B 239 -18.96 4.19 -24.38
C GLN B 239 -17.55 4.71 -24.77
N PRO B 240 -17.17 4.70 -26.05
CA PRO B 240 -17.97 4.34 -27.22
C PRO B 240 -18.13 2.82 -27.39
N GLY B 241 -17.16 2.04 -26.88
CA GLY B 241 -17.15 0.58 -26.94
C GLY B 241 -15.93 -0.05 -26.29
N PRO B 242 -15.85 -1.38 -26.16
CA PRO B 242 -14.68 -2.01 -25.49
C PRO B 242 -13.38 -1.95 -26.26
N ILE B 243 -13.46 -1.83 -27.62
CA ILE B 243 -12.25 -1.71 -28.42
C ILE B 243 -12.06 -0.24 -28.58
N VAL B 244 -10.95 0.25 -28.06
CA VAL B 244 -10.56 1.64 -27.92
C VAL B 244 -9.08 1.80 -28.35
N ALA B 245 -8.71 2.93 -28.97
CA ALA B 245 -7.35 3.14 -29.48
C ALA B 245 -6.57 4.04 -28.58
N PRO B 246 -5.21 4.11 -28.62
CA PRO B 246 -4.52 5.05 -27.72
C PRO B 246 -4.91 6.50 -28.00
N GLU B 247 -4.92 7.33 -26.94
CA GLU B 247 -5.21 8.77 -26.94
C GLU B 247 -6.72 9.05 -26.99
N GLU B 248 -7.56 8.02 -27.12
CA GLU B 248 -9.01 8.18 -27.03
C GLU B 248 -9.44 8.39 -25.54
N THR B 249 -10.75 8.59 -25.31
CA THR B 249 -11.33 8.75 -23.97
C THR B 249 -12.52 7.81 -23.88
N LEU B 250 -12.62 7.06 -22.78
CA LEU B 250 -13.76 6.16 -22.64
C LEU B 250 -14.57 6.54 -21.42
N THR B 251 -15.79 6.03 -21.33
CA THR B 251 -16.66 6.24 -20.20
C THR B 251 -17.14 4.87 -19.79
N LEU B 252 -16.80 4.48 -18.54
CA LEU B 252 -17.20 3.19 -18.00
C LEU B 252 -18.47 3.46 -17.24
N GLN B 253 -19.54 2.66 -17.47
CA GLN B 253 -20.84 2.87 -16.81
C GLN B 253 -21.37 1.67 -16.01
N CYS B 254 -21.93 1.94 -14.81
CA CYS B 254 -22.57 0.96 -13.91
C CYS B 254 -24.01 1.29 -13.74
N GLY B 255 -24.85 0.26 -13.71
CA GLY B 255 -26.26 0.46 -13.46
C GLY B 255 -26.97 -0.74 -12.89
N SER B 256 -28.04 -0.50 -12.12
CA SER B 256 -28.90 -1.52 -11.52
C SER B 256 -30.35 -1.03 -11.47
N ASP B 257 -31.28 -1.99 -11.26
CA ASP B 257 -32.71 -1.78 -10.98
C ASP B 257 -32.87 -2.16 -9.50
N ALA B 258 -31.77 -2.61 -8.88
CA ALA B 258 -31.69 -3.02 -7.48
C ALA B 258 -31.61 -1.82 -6.49
N GLY B 259 -31.72 -0.60 -7.02
CA GLY B 259 -31.70 0.62 -6.23
C GLY B 259 -30.42 0.93 -5.49
N TYR B 260 -29.24 0.69 -6.13
CA TYR B 260 -27.95 1.00 -5.50
C TYR B 260 -27.63 2.45 -5.71
N ASN B 261 -27.09 3.09 -4.71
CA ASN B 261 -26.77 4.49 -4.83
C ASN B 261 -25.26 4.70 -4.89
N ARG B 262 -24.46 3.66 -4.54
CA ARG B 262 -22.99 3.68 -4.57
C ARG B 262 -22.52 2.64 -5.56
N PHE B 263 -21.47 2.95 -6.34
CA PHE B 263 -20.89 2.02 -7.30
C PHE B 263 -19.38 2.03 -7.27
N VAL B 264 -18.79 0.83 -7.42
CA VAL B 264 -17.34 0.59 -7.40
C VAL B 264 -16.91 -0.16 -8.65
N LEU B 265 -15.79 0.24 -9.19
CA LEU B 265 -15.21 -0.35 -10.37
C LEU B 265 -13.85 -0.93 -9.99
N TYR B 266 -13.53 -2.17 -10.46
CA TYR B 266 -12.24 -2.78 -10.16
C TYR B 266 -11.70 -3.57 -11.36
N LYS B 267 -10.47 -3.19 -11.81
CA LYS B 267 -9.72 -3.83 -12.91
C LYS B 267 -8.72 -4.84 -12.32
N ASP B 268 -8.80 -6.09 -12.79
CA ASP B 268 -7.91 -7.15 -12.32
C ASP B 268 -6.45 -6.71 -12.41
N GLY B 269 -5.75 -7.04 -11.35
CA GLY B 269 -4.33 -6.73 -11.18
C GLY B 269 -4.06 -5.42 -10.48
N GLU B 270 -5.07 -4.57 -10.30
CA GLU B 270 -4.85 -3.26 -9.69
C GLU B 270 -4.88 -3.28 -8.20
N ARG B 271 -4.04 -2.42 -7.56
CA ARG B 271 -3.92 -2.24 -6.09
C ARG B 271 -5.20 -1.73 -5.46
N ASP B 272 -5.84 -0.75 -6.14
CA ASP B 272 -7.04 -0.04 -5.69
C ASP B 272 -8.27 -0.23 -6.58
N PHE B 273 -9.45 0.07 -6.03
CA PHE B 273 -10.70 0.08 -6.76
C PHE B 273 -11.13 1.55 -6.89
N LEU B 274 -11.95 1.87 -7.89
CA LEU B 274 -12.39 3.21 -8.19
C LEU B 274 -13.84 3.35 -7.77
N GLN B 275 -14.16 4.30 -6.88
CA GLN B 275 -15.52 4.50 -6.38
C GLN B 275 -16.17 5.63 -7.17
N LEU B 276 -17.03 5.31 -8.16
CA LEU B 276 -17.72 6.32 -9.00
C LEU B 276 -18.91 6.97 -8.27
N ALA B 277 -19.16 8.25 -8.64
CA ALA B 277 -20.23 9.07 -8.06
C ALA B 277 -21.62 8.54 -8.50
N GLY B 278 -22.28 7.85 -7.55
CA GLY B 278 -23.57 7.23 -7.79
C GLY B 278 -24.74 8.20 -7.82
N ALA B 279 -25.62 8.06 -8.84
CA ALA B 279 -26.82 8.89 -8.99
C ALA B 279 -27.90 8.48 -7.97
N GLN B 280 -29.00 9.27 -7.88
CA GLN B 280 -30.11 8.97 -6.97
C GLN B 280 -31.08 7.99 -7.65
N PRO B 281 -31.43 6.86 -6.98
CA PRO B 281 -32.30 5.85 -7.62
C PRO B 281 -33.76 6.26 -7.85
N GLN B 282 -34.29 5.98 -9.07
CA GLN B 282 -35.67 6.27 -9.49
C GLN B 282 -36.62 5.09 -9.18
N ALA B 283 -36.89 4.20 -10.18
CA ALA B 283 -37.70 2.98 -10.03
C ALA B 283 -36.69 1.84 -9.73
N GLY B 284 -35.84 2.10 -8.74
CA GLY B 284 -34.69 1.28 -8.37
C GLY B 284 -33.51 1.60 -9.30
N LEU B 285 -33.81 2.32 -10.42
CA LEU B 285 -32.89 2.73 -11.50
C LEU B 285 -31.84 3.72 -11.06
N SER B 286 -30.56 3.30 -11.16
CA SER B 286 -29.37 4.09 -10.80
C SER B 286 -28.25 3.79 -11.80
N GLN B 287 -27.45 4.81 -12.13
CA GLN B 287 -26.35 4.70 -13.08
C GLN B 287 -25.23 5.62 -12.65
N ALA B 288 -23.99 5.12 -12.61
CA ALA B 288 -22.84 5.95 -12.29
C ALA B 288 -21.84 5.74 -13.39
N ASN B 289 -21.13 6.80 -13.76
CA ASN B 289 -20.13 6.64 -14.81
C ASN B 289 -18.79 7.31 -14.49
N PHE B 290 -17.72 6.85 -15.14
CA PHE B 290 -16.38 7.38 -15.00
C PHE B 290 -15.77 7.61 -16.37
N THR B 291 -15.28 8.85 -16.65
CA THR B 291 -14.72 9.25 -17.93
C THR B 291 -13.20 9.40 -17.85
N LEU B 292 -12.45 8.40 -18.38
CA LEU B 292 -10.99 8.33 -18.40
C LEU B 292 -10.41 8.48 -19.76
N GLY B 293 -9.20 9.05 -19.79
CA GLY B 293 -8.40 9.25 -21.00
C GLY B 293 -7.18 10.06 -20.68
N PRO B 294 -6.10 10.09 -21.50
CA PRO B 294 -5.91 9.38 -22.77
C PRO B 294 -5.76 7.88 -22.57
N VAL B 295 -6.21 7.06 -23.53
CA VAL B 295 -6.03 5.66 -23.28
C VAL B 295 -4.63 5.26 -23.72
N SER B 296 -4.07 4.28 -23.02
CA SER B 296 -2.76 3.71 -23.22
C SER B 296 -2.95 2.22 -23.11
N ARG B 297 -1.89 1.41 -23.40
CA ARG B 297 -1.89 -0.05 -23.27
C ARG B 297 -2.40 -0.45 -21.88
N SER B 298 -2.01 0.31 -20.86
CA SER B 298 -2.40 0.09 -19.46
C SER B 298 -3.90 -0.03 -19.24
N TYR B 299 -4.72 0.55 -20.12
CA TYR B 299 -6.18 0.50 -19.97
C TYR B 299 -6.74 -0.87 -20.22
N GLY B 300 -6.05 -1.64 -21.07
CA GLY B 300 -6.44 -2.99 -21.43
C GLY B 300 -6.51 -3.91 -20.23
N GLY B 301 -7.67 -4.53 -20.03
CA GLY B 301 -7.85 -5.47 -18.93
C GLY B 301 -9.26 -5.92 -18.75
N GLN B 302 -9.49 -6.71 -17.72
CA GLN B 302 -10.81 -7.26 -17.36
C GLN B 302 -11.29 -6.42 -16.19
N TYR B 303 -12.52 -5.92 -16.31
CA TYR B 303 -13.14 -5.00 -15.35
C TYR B 303 -14.41 -5.58 -14.75
N ARG B 304 -14.69 -5.24 -13.47
CA ARG B 304 -15.91 -5.64 -12.79
C ARG B 304 -16.45 -4.46 -12.06
N CYS B 305 -17.77 -4.44 -11.86
CA CYS B 305 -18.54 -3.37 -11.23
C CYS B 305 -19.37 -3.95 -10.05
N TYR B 306 -19.52 -3.16 -8.97
CA TYR B 306 -20.24 -3.57 -7.78
C TYR B 306 -21.12 -2.44 -7.30
N GLY B 307 -22.31 -2.79 -6.86
CA GLY B 307 -23.23 -1.82 -6.29
C GLY B 307 -23.42 -2.06 -4.81
N ALA B 308 -23.96 -1.05 -4.09
CA ALA B 308 -24.29 -1.06 -2.66
C ALA B 308 -25.30 0.02 -2.35
N HIS B 309 -26.01 -0.14 -1.23
CA HIS B 309 -27.03 0.80 -0.74
C HIS B 309 -26.33 1.67 0.30
N ASN B 310 -26.93 2.85 0.62
CA ASN B 310 -26.35 3.81 1.55
C ASN B 310 -26.10 3.23 2.92
N LEU B 311 -27.01 2.37 3.40
CA LEU B 311 -26.83 1.74 4.70
C LEU B 311 -25.78 0.63 4.67
N SER B 312 -25.95 -0.35 3.75
CA SER B 312 -25.04 -1.50 3.59
C SER B 312 -23.60 -1.10 3.30
N SER B 313 -22.66 -1.91 3.76
CA SER B 313 -21.23 -1.79 3.45
C SER B 313 -20.78 -3.21 3.05
N GLU B 314 -21.74 -3.88 2.42
CA GLU B 314 -21.69 -5.20 1.88
C GLU B 314 -22.07 -4.95 0.44
N TRP B 315 -21.06 -5.05 -0.43
CA TRP B 315 -21.19 -4.80 -1.84
C TRP B 315 -21.92 -5.93 -2.55
N SER B 316 -22.36 -5.69 -3.80
CA SER B 316 -23.13 -6.66 -4.55
C SER B 316 -22.24 -7.70 -5.12
N ALA B 317 -22.84 -8.74 -5.70
CA ALA B 317 -22.07 -9.70 -6.48
C ALA B 317 -21.53 -8.95 -7.73
N PRO B 318 -20.36 -9.29 -8.30
CA PRO B 318 -19.84 -8.51 -9.44
C PRO B 318 -20.69 -8.55 -10.69
N SER B 319 -20.55 -7.49 -11.51
CA SER B 319 -21.16 -7.41 -12.83
C SER B 319 -20.40 -8.44 -13.65
N ASP B 320 -20.97 -8.90 -14.78
CA ASP B 320 -20.24 -9.85 -15.65
C ASP B 320 -19.00 -9.09 -16.09
N PRO B 321 -17.82 -9.72 -16.28
CA PRO B 321 -16.64 -8.93 -16.62
C PRO B 321 -16.73 -8.26 -17.98
N LEU B 322 -15.93 -7.20 -18.19
CA LEU B 322 -15.84 -6.39 -19.41
C LEU B 322 -14.36 -6.30 -19.73
N ASP B 323 -13.97 -6.77 -20.91
CA ASP B 323 -12.59 -6.70 -21.32
C ASP B 323 -12.42 -5.48 -22.22
N ILE B 324 -11.54 -4.54 -21.82
CA ILE B 324 -11.25 -3.33 -22.58
C ILE B 324 -10.03 -3.71 -23.36
N LEU B 325 -10.08 -3.54 -24.69
CA LEU B 325 -9.01 -3.91 -25.60
C LEU B 325 -8.44 -2.69 -26.32
N ILE B 326 -7.13 -2.66 -26.48
CA ILE B 326 -6.39 -1.55 -27.03
C ILE B 326 -5.97 -1.80 -28.47
N ALA B 327 -6.62 -1.06 -29.39
CA ALA B 327 -6.39 -1.11 -30.83
C ALA B 327 -5.03 -0.57 -31.24
N GLY B 328 -4.60 -0.90 -32.46
CA GLY B 328 -3.36 -0.48 -33.09
C GLY B 328 -2.07 -0.74 -32.35
N GLN B 329 -1.90 -1.94 -31.79
CA GLN B 329 -0.73 -2.31 -30.98
C GLN B 329 0.27 -3.28 -31.65
N PHE B 330 0.04 -3.63 -32.93
CA PHE B 330 0.94 -4.53 -33.63
C PHE B 330 1.33 -3.92 -34.95
N TYR B 331 2.45 -4.40 -35.58
CA TYR B 331 2.86 -3.89 -36.89
C TYR B 331 1.85 -4.34 -37.97
N ASP B 332 1.33 -5.55 -37.82
CA ASP B 332 0.34 -6.21 -38.66
C ASP B 332 -0.98 -5.49 -38.82
N ARG B 333 -1.43 -5.38 -40.07
CA ARG B 333 -2.71 -4.79 -40.45
C ARG B 333 -3.64 -5.91 -40.88
N VAL B 334 -4.96 -5.72 -40.74
CA VAL B 334 -5.94 -6.75 -41.12
C VAL B 334 -6.94 -6.29 -42.22
N SER B 335 -7.58 -7.26 -42.90
CA SER B 335 -8.53 -6.99 -43.98
C SER B 335 -9.82 -7.70 -43.70
N LEU B 336 -10.93 -7.03 -43.99
CA LEU B 336 -12.26 -7.60 -43.78
C LEU B 336 -13.07 -7.60 -45.08
N SER B 337 -13.50 -8.79 -45.50
CA SER B 337 -14.28 -8.96 -46.71
C SER B 337 -15.54 -9.77 -46.45
N VAL B 338 -16.31 -9.94 -47.51
CA VAL B 338 -17.55 -10.68 -47.51
C VAL B 338 -17.34 -11.53 -48.74
N GLN B 339 -18.02 -12.65 -48.82
CA GLN B 339 -17.84 -13.54 -49.96
C GLN B 339 -18.71 -13.08 -51.12
N PRO B 340 -20.00 -13.28 -50.94
CA PRO B 340 -21.02 -12.90 -51.94
C PRO B 340 -20.91 -11.43 -52.31
N GLY B 341 -20.93 -10.54 -51.32
CA GLY B 341 -20.83 -9.13 -51.57
C GLY B 341 -21.29 -8.25 -50.42
N PRO B 342 -21.13 -6.94 -50.57
CA PRO B 342 -21.52 -5.99 -49.53
C PRO B 342 -23.04 -5.77 -49.45
N THR B 343 -23.74 -5.93 -50.56
CA THR B 343 -25.18 -5.74 -50.59
C THR B 343 -25.89 -7.06 -50.89
N VAL B 344 -26.74 -7.50 -49.97
CA VAL B 344 -27.47 -8.75 -50.16
C VAL B 344 -28.85 -8.76 -49.52
N ALA B 345 -29.83 -9.30 -50.25
CA ALA B 345 -31.20 -9.40 -49.78
C ALA B 345 -31.38 -10.45 -48.65
N SER B 346 -32.35 -10.21 -47.77
CA SER B 346 -32.69 -11.05 -46.60
C SER B 346 -32.74 -12.58 -46.85
N GLY B 347 -32.33 -13.36 -45.85
CA GLY B 347 -32.31 -14.82 -45.87
C GLY B 347 -31.13 -15.52 -46.54
N GLU B 348 -30.32 -14.78 -47.34
CA GLU B 348 -29.16 -15.32 -48.06
C GLU B 348 -27.99 -15.69 -47.12
N ASN B 349 -27.16 -16.72 -47.50
CA ASN B 349 -26.00 -17.13 -46.69
C ASN B 349 -24.83 -16.17 -46.90
N VAL B 350 -24.46 -15.48 -45.79
CA VAL B 350 -23.40 -14.47 -45.70
C VAL B 350 -22.32 -14.87 -44.67
N THR B 351 -21.03 -14.77 -45.11
CA THR B 351 -19.84 -15.08 -44.31
C THR B 351 -18.81 -13.97 -44.40
N LEU B 352 -18.45 -13.39 -43.24
CA LEU B 352 -17.41 -12.36 -43.16
C LEU B 352 -16.04 -13.03 -42.92
N LEU B 353 -15.05 -12.62 -43.70
CA LEU B 353 -13.70 -13.16 -43.67
C LEU B 353 -12.75 -12.07 -43.23
N CYS B 354 -12.03 -12.33 -42.11
CA CYS B 354 -10.99 -11.46 -41.57
C CYS B 354 -9.67 -12.14 -41.84
N GLN B 355 -8.66 -11.40 -42.30
CA GLN B 355 -7.37 -12.03 -42.62
C GLN B 355 -6.18 -11.08 -42.46
N SER B 356 -5.00 -11.65 -42.16
CA SER B 356 -3.71 -10.96 -42.04
C SER B 356 -2.55 -11.78 -42.62
N GLN B 357 -1.50 -11.11 -43.14
CA GLN B 357 -0.32 -11.80 -43.70
C GLN B 357 0.59 -12.29 -42.56
N GLY B 358 0.62 -11.54 -41.47
CA GLY B 358 1.41 -11.89 -40.30
C GLY B 358 0.66 -12.79 -39.39
N TRP B 359 1.37 -13.60 -38.63
CA TRP B 359 0.79 -14.56 -37.73
C TRP B 359 -0.05 -13.87 -36.68
N MET B 360 -1.27 -14.37 -36.49
CA MET B 360 -2.22 -13.93 -35.48
C MET B 360 -2.84 -15.19 -34.92
N GLN B 361 -2.96 -15.28 -33.59
CA GLN B 361 -3.58 -16.43 -32.92
C GLN B 361 -5.11 -16.41 -33.08
N THR B 362 -5.75 -15.21 -33.00
CA THR B 362 -7.21 -15.03 -33.08
C THR B 362 -7.62 -13.81 -33.85
N PHE B 363 -8.85 -13.80 -34.36
CA PHE B 363 -9.44 -12.66 -35.07
C PHE B 363 -10.74 -12.24 -34.38
N LEU B 364 -10.98 -10.93 -34.29
CA LEU B 364 -12.09 -10.35 -33.56
C LEU B 364 -13.02 -9.57 -34.47
N LEU B 365 -14.31 -9.90 -34.49
CA LEU B 365 -15.29 -9.21 -35.33
C LEU B 365 -16.27 -8.39 -34.47
N THR B 366 -16.45 -7.11 -34.86
CA THR B 366 -17.30 -6.12 -34.20
C THR B 366 -18.20 -5.40 -35.19
N LYS B 367 -19.37 -4.94 -34.70
CA LYS B 367 -20.36 -4.16 -35.46
C LYS B 367 -20.50 -2.81 -34.79
N GLU B 368 -20.74 -1.75 -35.61
CA GLU B 368 -20.95 -0.38 -35.15
C GLU B 368 -22.25 -0.41 -34.42
N GLY B 369 -22.18 -0.05 -33.14
CA GLY B 369 -23.33 -0.07 -32.24
C GLY B 369 -23.80 -1.49 -32.01
N ALA B 370 -23.02 -2.22 -31.21
CA ALA B 370 -23.32 -3.59 -30.87
C ALA B 370 -22.96 -3.74 -29.41
N ALA B 371 -24.02 -3.89 -28.57
CA ALA B 371 -23.93 -4.07 -27.11
C ALA B 371 -23.33 -5.45 -26.75
N ASP B 372 -23.38 -6.40 -27.71
CA ASP B 372 -22.80 -7.74 -27.57
C ASP B 372 -21.28 -7.67 -27.65
N ASP B 373 -20.66 -8.67 -27.07
CA ASP B 373 -19.22 -8.85 -27.03
C ASP B 373 -18.69 -9.15 -28.45
N PRO B 374 -17.47 -8.71 -28.77
CA PRO B 374 -16.94 -9.02 -30.09
C PRO B 374 -16.74 -10.54 -30.24
N TRP B 375 -16.98 -11.02 -31.46
CA TRP B 375 -16.89 -12.44 -31.82
C TRP B 375 -15.41 -12.80 -32.06
N ARG B 376 -14.85 -13.68 -31.23
CA ARG B 376 -13.44 -14.10 -31.30
C ARG B 376 -13.33 -15.53 -31.77
N LEU B 377 -12.55 -15.74 -32.83
CA LEU B 377 -12.31 -17.02 -33.48
C LEU B 377 -10.83 -17.30 -33.60
N ARG B 378 -10.44 -18.56 -33.43
CA ARG B 378 -9.07 -19.00 -33.58
C ARG B 378 -8.71 -18.89 -35.07
N SER B 379 -7.47 -18.49 -35.36
CA SER B 379 -7.02 -18.32 -36.74
C SER B 379 -6.73 -19.62 -37.47
N THR B 380 -6.75 -19.57 -38.80
CA THR B 380 -6.49 -20.68 -39.68
C THR B 380 -5.49 -20.21 -40.78
N TYR B 381 -4.54 -21.05 -41.24
CA TYR B 381 -3.57 -20.64 -42.28
C TYR B 381 -4.05 -21.13 -43.63
N GLN B 382 -4.65 -20.25 -44.41
CA GLN B 382 -5.13 -20.63 -45.74
C GLN B 382 -4.79 -19.57 -46.74
N SER B 383 -4.36 -20.02 -47.94
CA SER B 383 -3.96 -19.21 -49.10
C SER B 383 -2.81 -18.29 -48.77
N GLN B 384 -1.80 -18.82 -48.06
CA GLN B 384 -0.57 -18.14 -47.70
C GLN B 384 -0.75 -17.00 -46.68
N LYS B 385 -1.96 -16.83 -46.11
CA LYS B 385 -2.23 -15.86 -45.05
C LYS B 385 -2.97 -16.50 -43.90
N TYR B 386 -3.13 -15.76 -42.80
CA TYR B 386 -3.86 -16.24 -41.63
C TYR B 386 -5.22 -15.59 -41.68
N GLN B 387 -6.29 -16.36 -41.45
CA GLN B 387 -7.68 -15.89 -41.51
C GLN B 387 -8.58 -16.53 -40.47
N ALA B 388 -9.85 -16.11 -40.46
CA ALA B 388 -10.95 -16.65 -39.64
C ALA B 388 -12.25 -16.28 -40.36
N GLU B 389 -13.16 -17.27 -40.56
CA GLU B 389 -14.48 -17.05 -41.18
C GLU B 389 -15.55 -16.97 -40.10
N PHE B 390 -16.31 -15.88 -40.14
CA PHE B 390 -17.41 -15.60 -39.24
C PHE B 390 -18.70 -15.79 -40.04
N PRO B 391 -19.33 -17.01 -40.00
CA PRO B 391 -20.57 -17.21 -40.77
C PRO B 391 -21.78 -16.60 -40.06
N MET B 392 -22.61 -15.87 -40.82
CA MET B 392 -23.82 -15.19 -40.29
C MET B 392 -25.06 -16.04 -40.49
N GLY B 393 -25.07 -16.80 -41.59
CA GLY B 393 -26.20 -17.63 -41.96
C GLY B 393 -27.19 -16.80 -42.76
N PRO B 394 -28.51 -16.97 -42.52
CA PRO B 394 -29.49 -16.17 -43.27
C PRO B 394 -29.62 -14.77 -42.68
N VAL B 395 -29.58 -13.75 -43.55
CA VAL B 395 -29.61 -12.33 -43.19
C VAL B 395 -30.98 -11.76 -42.77
N THR B 396 -30.94 -10.86 -41.74
CA THR B 396 -32.07 -10.05 -41.25
C THR B 396 -31.63 -8.58 -41.44
N SER B 397 -32.37 -7.60 -40.87
CA SER B 397 -31.95 -6.19 -40.95
C SER B 397 -31.06 -5.83 -39.78
N ALA B 398 -31.02 -6.73 -38.76
CA ALA B 398 -30.16 -6.63 -37.58
C ALA B 398 -28.75 -7.00 -38.05
N HIS B 399 -28.69 -8.00 -38.96
CA HIS B 399 -27.50 -8.51 -39.62
C HIS B 399 -27.07 -7.49 -40.70
N ALA B 400 -27.05 -6.17 -40.37
CA ALA B 400 -26.66 -5.12 -41.32
C ALA B 400 -26.10 -3.95 -40.56
N GLY B 401 -25.01 -3.39 -41.07
CA GLY B 401 -24.31 -2.29 -40.43
C GLY B 401 -22.86 -2.12 -40.85
N THR B 402 -22.00 -1.77 -39.87
CA THR B 402 -20.59 -1.48 -40.12
C THR B 402 -19.67 -2.36 -39.26
N TYR B 403 -19.08 -3.36 -39.95
CA TYR B 403 -18.18 -4.32 -39.37
C TYR B 403 -16.73 -3.89 -39.53
N ARG B 404 -15.91 -4.29 -38.55
CA ARG B 404 -14.46 -4.07 -38.48
C ARG B 404 -13.89 -5.29 -37.80
N CYS B 405 -12.78 -5.82 -38.30
CA CYS B 405 -12.19 -6.95 -37.62
C CYS B 405 -10.82 -6.58 -37.05
N TYR B 406 -10.31 -7.39 -36.10
CA TYR B 406 -9.05 -7.16 -35.39
C TYR B 406 -8.17 -8.41 -35.22
N GLY B 407 -6.86 -8.23 -35.22
CA GLY B 407 -5.93 -9.33 -35.00
C GLY B 407 -5.48 -9.38 -33.56
N SER B 408 -5.30 -10.56 -33.01
CA SER B 408 -4.86 -10.71 -31.64
C SER B 408 -3.83 -11.84 -31.54
N GLN B 409 -2.95 -11.75 -30.53
CA GLN B 409 -1.94 -12.75 -30.16
C GLN B 409 -2.04 -12.88 -28.64
N SER B 410 -2.14 -14.12 -28.10
CA SER B 410 -2.33 -14.37 -26.66
C SER B 410 -1.20 -13.82 -25.75
N SER B 411 0.06 -13.81 -26.22
CA SER B 411 1.21 -13.20 -25.54
C SER B 411 0.83 -11.78 -24.99
N LYS B 412 0.18 -10.90 -25.82
CA LYS B 412 -0.29 -9.54 -25.49
C LYS B 412 -1.84 -9.67 -25.45
N PRO B 413 -2.46 -10.13 -24.33
CA PRO B 413 -3.89 -10.51 -24.38
C PRO B 413 -4.94 -9.43 -24.51
N TYR B 414 -4.73 -8.21 -23.96
CA TYR B 414 -5.77 -7.16 -24.02
C TYR B 414 -5.43 -6.15 -25.13
N LEU B 415 -4.49 -6.54 -26.01
CA LEU B 415 -4.03 -5.77 -27.15
C LEU B 415 -4.68 -6.25 -28.49
N LEU B 416 -4.72 -5.35 -29.51
CA LEU B 416 -5.29 -5.61 -30.84
C LEU B 416 -4.55 -4.85 -31.97
N THR B 417 -4.67 -5.33 -33.20
CA THR B 417 -4.10 -4.62 -34.35
C THR B 417 -4.98 -3.39 -34.60
N HIS B 418 -4.64 -2.57 -35.60
CA HIS B 418 -5.55 -1.47 -35.94
C HIS B 418 -6.80 -2.14 -36.49
N PRO B 419 -7.98 -1.48 -36.57
CA PRO B 419 -9.11 -2.15 -37.19
C PRO B 419 -8.88 -2.37 -38.67
N SER B 420 -9.65 -3.28 -39.23
CA SER B 420 -9.65 -3.45 -40.66
C SER B 420 -10.38 -2.19 -41.17
N ASP B 421 -10.35 -1.91 -42.48
CA ASP B 421 -11.14 -0.79 -42.99
C ASP B 421 -12.63 -1.20 -42.75
N PRO B 422 -13.57 -0.28 -42.47
CA PRO B 422 -14.94 -0.72 -42.19
C PRO B 422 -15.61 -1.31 -43.41
N LEU B 423 -16.44 -2.34 -43.20
CA LEU B 423 -17.20 -3.04 -44.25
C LEU B 423 -18.65 -2.81 -43.92
N GLU B 424 -19.42 -2.30 -44.91
CA GLU B 424 -20.84 -2.01 -44.68
C GLU B 424 -21.77 -3.03 -45.29
N LEU B 425 -22.65 -3.60 -44.46
CA LEU B 425 -23.65 -4.57 -44.88
C LEU B 425 -25.00 -3.87 -45.05
N VAL B 426 -25.54 -3.95 -46.27
CA VAL B 426 -26.82 -3.36 -46.65
C VAL B 426 -27.77 -4.44 -47.18
N VAL B 427 -28.82 -4.72 -46.39
CA VAL B 427 -29.84 -5.75 -46.61
C VAL B 427 -31.15 -5.19 -47.26
N SER B 428 -31.79 -6.01 -48.13
CA SER B 428 -33.04 -5.66 -48.84
C SER B 428 -34.24 -6.38 -48.21
C1 NAG C . -23.69 -21.00 -46.26
C2 NAG C . -22.28 -20.95 -45.65
C3 NAG C . -22.19 -21.91 -44.47
C4 NAG C . -22.58 -23.34 -44.85
C5 NAG C . -23.81 -23.47 -45.78
C6 NAG C . -25.12 -23.71 -45.05
C7 NAG C . -20.12 -20.49 -46.80
C8 NAG C . -19.17 -20.96 -47.86
N2 NAG C . -21.24 -21.22 -46.63
O3 NAG C . -22.93 -21.45 -43.34
O4 NAG C . -21.46 -24.07 -45.38
O5 NAG C . -23.98 -22.35 -46.68
O6 NAG C . -26.19 -23.96 -45.94
O7 NAG C . -19.88 -19.49 -46.13
C1 NAG C . -20.69 -24.91 -44.48
C2 NAG C . -19.91 -25.96 -45.28
C3 NAG C . -18.96 -26.75 -44.37
C4 NAG C . -18.12 -25.82 -43.50
C5 NAG C . -19.03 -24.87 -42.72
C6 NAG C . -18.27 -23.86 -41.89
C7 NAG C . -20.56 -27.71 -46.93
C8 NAG C . -21.66 -28.67 -47.33
N2 NAG C . -20.86 -26.87 -45.92
O3 NAG C . -18.09 -27.59 -45.13
O4 NAG C . -17.31 -26.60 -42.62
O5 NAG C . -19.84 -24.12 -43.65
O6 NAG C . -17.62 -24.45 -40.77
O7 NAG C . -19.47 -27.71 -47.48
C1 NAG D . -22.98 9.77 -17.35
C2 NAG D . -23.64 9.79 -18.73
C3 NAG D . -25.05 10.40 -18.70
C4 NAG D . -25.19 11.52 -17.65
C5 NAG D . -24.66 11.13 -16.27
C6 NAG D . -25.74 10.98 -15.22
C7 NAG D . -22.84 10.16 -21.04
C8 NAG D . -21.87 10.91 -21.90
N2 NAG D . -22.81 10.45 -19.72
O3 NAG D . -26.03 9.38 -18.51
O4 NAG D . -24.60 12.73 -18.11
O5 NAG D . -23.95 9.88 -16.31
O6 NAG D . -25.23 10.51 -13.98
O7 NAG D . -23.62 9.34 -21.51
C1 NAG E . -26.47 8.86 1.91
C2 NAG E . -26.60 9.57 0.55
C3 NAG E . -27.82 10.48 0.42
C4 NAG E . -28.02 11.38 1.66
C5 NAG E . -27.04 11.04 2.78
C6 NAG E . -27.39 11.70 4.10
C7 NAG E . -24.31 9.68 -0.40
C8 NAG E . -23.08 10.54 -0.53
N2 NAG E . -25.37 10.27 0.19
O3 NAG E . -28.99 9.70 0.19
O4 NAG E . -27.95 12.76 1.32
O5 NAG E . -27.00 9.62 3.00
O6 NAG E . -26.28 11.66 5.01
O7 NAG E . -24.33 8.51 -0.79
#